data_2IBD
#
_entry.id   2IBD
#
_cell.length_a   70.588
_cell.length_b   118.778
_cell.length_c   97.173
_cell.angle_alpha   90.00
_cell.angle_beta   90.00
_cell.angle_gamma   90.00
#
_symmetry.space_group_name_H-M   'C 2 2 21'
#
loop_
_entity.id
_entity.type
_entity.pdbx_description
1 polymer 'Possible transcriptional regulator'
2 non-polymer 'MAGNESIUM ION'
3 water water
#
_entity_poly.entity_id   1
_entity_poly.type   'polypeptide(L)'
_entity_poly.pdbx_seq_one_letter_code
;(MSE)TPPPADDTSGKSGRRTELLDIAATLFAERGLRATTVRDIADAAGILSGSLYHHFDSKES(MSE)VDEILRGFLDD
LFGKYREIVASGLDSRATLEALVTTSYEAIDASHSAVAIYQDEVKHLVANERFTYLSELNTEFRELW(MSE)GVLEAGVK
DGSFRSDIDVELAFRFLRDTAWVAVRWYRPGGSVTVDTVAKQYLSIVLDGLASPHN
;
_entity_poly.pdbx_strand_id   A,B
#
loop_
_chem_comp.id
_chem_comp.type
_chem_comp.name
_chem_comp.formula
MG non-polymer 'MAGNESIUM ION' 'Mg 2'
#
# COMPACT_ATOMS: atom_id res chain seq x y z
N GLY A 11 12.22 11.01 -35.23
CA GLY A 11 11.19 12.02 -34.85
C GLY A 11 9.95 11.39 -34.17
N LYS A 12 9.20 10.59 -34.93
CA LYS A 12 7.89 10.04 -34.51
C LYS A 12 7.98 9.09 -33.32
N SER A 13 8.93 8.15 -33.39
CA SER A 13 9.14 7.16 -32.32
C SER A 13 9.50 7.82 -30.99
N GLY A 14 10.37 8.83 -31.03
CA GLY A 14 10.71 9.57 -29.83
C GLY A 14 9.53 10.34 -29.24
N ARG A 15 8.76 10.99 -30.11
CA ARG A 15 7.54 11.67 -29.69
C ARG A 15 6.55 10.71 -29.04
N ARG A 16 6.37 9.54 -29.63
CA ARG A 16 5.50 8.52 -29.07
C ARG A 16 5.92 8.20 -27.64
N THR A 17 7.20 7.95 -27.45
CA THR A 17 7.71 7.65 -26.13
C THR A 17 7.46 8.80 -25.14
N GLU A 18 7.67 10.03 -25.58
CA GLU A 18 7.42 11.21 -24.75
C GLU A 18 5.95 11.31 -24.31
N LEU A 19 5.04 11.07 -25.25
CA LEU A 19 3.63 11.14 -24.97
C LEU A 19 3.22 10.06 -23.97
N LEU A 20 3.81 8.88 -24.14
CA LEU A 20 3.50 7.77 -23.26
C LEU A 20 3.98 8.06 -21.83
N ASP A 21 5.16 8.67 -21.71
N ASP A 21 5.16 8.68 -21.72
CA ASP A 21 5.67 9.04 -20.39
CA ASP A 21 5.73 9.09 -20.42
C ASP A 21 4.83 10.14 -19.72
C ASP A 21 4.85 10.15 -19.73
N ILE A 22 4.33 11.10 -20.52
CA ILE A 22 3.40 12.11 -20.01
C ILE A 22 2.11 11.45 -19.49
N ALA A 23 1.58 10.50 -20.26
CA ALA A 23 0.39 9.78 -19.81
C ALA A 23 0.70 9.04 -18.51
N ALA A 24 1.83 8.36 -18.46
CA ALA A 24 2.17 7.58 -17.24
C ALA A 24 2.16 8.47 -16.01
N THR A 25 2.73 9.66 -16.15
CA THR A 25 2.88 10.58 -15.02
C THR A 25 1.49 11.04 -14.56
N LEU A 26 0.59 11.31 -15.51
CA LEU A 26 -0.78 11.73 -15.15
C LEU A 26 -1.52 10.58 -14.51
N PHE A 27 -1.39 9.39 -15.09
CA PHE A 27 -2.06 8.25 -14.47
C PHE A 27 -1.59 8.01 -13.04
N ALA A 28 -0.28 8.15 -12.82
CA ALA A 28 0.27 7.93 -11.47
C ALA A 28 -0.24 8.97 -10.47
N GLU A 29 -0.40 10.20 -10.94
CA GLU A 29 -0.82 11.24 -10.03
C GLU A 29 -2.33 11.21 -9.79
N ARG A 30 -3.09 11.26 -10.88
N ARG A 30 -3.11 11.26 -10.87
CA ARG A 30 -4.55 11.41 -10.83
CA ARG A 30 -4.57 11.41 -10.75
C ARG A 30 -5.32 10.09 -10.70
C ARG A 30 -5.39 10.12 -10.91
N GLY A 31 -4.74 9.01 -11.22
CA GLY A 31 -5.43 7.75 -11.27
C GLY A 31 -5.87 7.50 -12.68
N LEU A 32 -6.13 6.24 -12.98
CA LEU A 32 -6.50 5.84 -14.32
C LEU A 32 -7.88 6.35 -14.68
N ARG A 33 -8.86 6.10 -13.83
CA ARG A 33 -10.25 6.40 -14.15
C ARG A 33 -10.51 7.90 -14.28
N ALA A 34 -9.75 8.72 -13.55
CA ALA A 34 -9.95 10.17 -13.54
C ALA A 34 -9.12 10.96 -14.58
N THR A 35 -8.30 10.27 -15.40
CA THR A 35 -7.45 10.92 -16.40
C THR A 35 -8.01 10.66 -17.81
N THR A 36 -8.27 11.72 -18.56
CA THR A 36 -8.81 11.55 -19.91
C THR A 36 -7.73 11.73 -20.97
N VAL A 37 -8.05 11.37 -22.23
CA VAL A 37 -7.12 11.61 -23.30
C VAL A 37 -6.89 13.12 -23.51
N ARG A 38 -7.93 13.93 -23.25
CA ARG A 38 -7.80 15.40 -23.33
C ARG A 38 -6.80 15.90 -22.26
N ASP A 39 -6.86 15.31 -21.05
CA ASP A 39 -5.90 15.69 -20.01
C ASP A 39 -4.49 15.42 -20.50
N ILE A 40 -4.28 14.27 -21.16
CA ILE A 40 -2.97 13.87 -21.64
C ILE A 40 -2.52 14.82 -22.74
N ALA A 41 -3.40 15.01 -23.71
CA ALA A 41 -3.10 15.92 -24.80
C ALA A 41 -2.78 17.34 -24.30
N ASP A 42 -3.57 17.85 -23.36
CA ASP A 42 -3.32 19.19 -22.79
C ASP A 42 -1.90 19.26 -22.22
N ALA A 43 -1.54 18.23 -21.45
CA ALA A 43 -0.21 18.17 -20.80
C ALA A 43 0.91 18.12 -21.85
N ALA A 44 0.58 17.57 -23.04
CA ALA A 44 1.54 17.45 -24.15
C ALA A 44 1.53 18.63 -25.12
N GLY A 45 0.67 19.62 -24.86
CA GLY A 45 0.53 20.80 -25.71
C GLY A 45 -0.14 20.55 -27.05
N ILE A 46 -0.92 19.47 -27.14
CA ILE A 46 -1.62 19.11 -28.39
C ILE A 46 -3.13 18.89 -28.17
N LEU A 47 -3.83 18.56 -29.25
CA LEU A 47 -5.22 18.12 -29.17
C LEU A 47 -5.31 16.60 -29.22
N SER A 48 -6.41 16.06 -28.72
CA SER A 48 -6.59 14.60 -28.64
C SER A 48 -6.35 13.88 -29.96
N GLY A 49 -6.76 14.50 -31.07
CA GLY A 49 -6.52 13.90 -32.37
C GLY A 49 -5.07 13.53 -32.62
N SER A 50 -4.13 14.38 -32.17
CA SER A 50 -2.72 14.11 -32.37
C SER A 50 -2.30 12.89 -31.58
N LEU A 51 -2.93 12.73 -30.43
CA LEU A 51 -2.63 11.59 -29.57
C LEU A 51 -3.08 10.29 -30.25
N TYR A 52 -4.25 10.34 -30.90
CA TYR A 52 -4.80 9.15 -31.55
C TYR A 52 -4.05 8.75 -32.81
N HIS A 53 -3.28 9.67 -33.37
CA HIS A 53 -2.39 9.34 -34.45
C HIS A 53 -1.31 8.37 -33.97
N HIS A 54 -0.90 8.47 -32.70
CA HIS A 54 0.14 7.62 -32.15
C HIS A 54 -0.39 6.38 -31.45
N PHE A 55 -1.55 6.50 -30.79
CA PHE A 55 -2.10 5.40 -29.95
C PHE A 55 -3.53 5.04 -30.31
N ASP A 56 -3.88 3.75 -30.18
CA ASP A 56 -5.25 3.32 -30.46
C ASP A 56 -6.22 3.87 -29.45
N SER A 57 -5.81 3.91 -28.18
CA SER A 57 -6.74 4.21 -27.11
C SER A 57 -5.97 4.52 -25.83
N LYS A 58 -6.67 5.11 -24.87
CA LYS A 58 -6.11 5.27 -23.52
C LYS A 58 -5.68 3.90 -22.94
N GLU A 59 -6.53 2.92 -23.19
N GLU A 59 -6.49 2.87 -23.12
CA GLU A 59 -6.36 1.55 -22.72
CA GLU A 59 -6.16 1.59 -22.50
C GLU A 59 -5.01 1.01 -23.17
C GLU A 59 -4.98 0.89 -23.18
N SER A 60 -4.75 1.16 -24.47
CA SER A 60 -3.53 0.64 -25.08
C SER A 60 -2.31 1.34 -24.47
N MSE A 61 -2.43 2.64 -24.15
CA MSE A 61 -1.33 3.34 -23.46
C MSE A 61 -1.02 2.72 -22.10
O MSE A 61 0.13 2.42 -21.79
CB MSE A 61 -1.66 4.82 -23.31
CG MSE A 61 -1.87 5.47 -24.69
SE MSE A 61 -2.29 7.36 -24.48
CE MSE A 61 -0.48 8.03 -24.28
N VAL A 62 -2.06 2.51 -21.30
CA VAL A 62 -1.92 1.85 -19.98
C VAL A 62 -1.25 0.50 -20.13
N ASP A 63 -1.72 -0.27 -21.11
CA ASP A 63 -1.21 -1.62 -21.32
C ASP A 63 0.28 -1.55 -21.64
N GLU A 64 0.67 -0.63 -22.51
CA GLU A 64 2.08 -0.53 -22.92
C GLU A 64 2.96 -0.11 -21.72
N ILE A 65 2.47 0.85 -20.93
CA ILE A 65 3.21 1.29 -19.73
C ILE A 65 3.39 0.11 -18.77
N LEU A 66 2.31 -0.61 -18.48
CA LEU A 66 2.40 -1.71 -17.52
C LEU A 66 3.29 -2.82 -18.04
N ARG A 67 3.14 -3.20 -19.30
CA ARG A 67 3.98 -4.29 -19.85
C ARG A 67 5.44 -3.92 -19.89
N GLY A 68 5.75 -2.67 -20.22
CA GLY A 68 7.16 -2.28 -20.29
C GLY A 68 7.82 -2.58 -18.95
N PHE A 69 7.14 -2.15 -17.89
CA PHE A 69 7.64 -2.28 -16.53
C PHE A 69 7.65 -3.75 -16.11
N LEU A 70 6.52 -4.42 -16.28
CA LEU A 70 6.37 -5.77 -15.73
C LEU A 70 7.17 -6.83 -16.48
N ASP A 71 7.31 -6.68 -17.79
CA ASP A 71 8.10 -7.65 -18.53
C ASP A 71 9.55 -7.65 -18.04
N ASP A 72 10.07 -6.45 -17.81
CA ASP A 72 11.45 -6.27 -17.35
C ASP A 72 11.57 -6.82 -15.91
N LEU A 73 10.63 -6.39 -15.07
CA LEU A 73 10.65 -6.77 -13.67
C LEU A 73 10.58 -8.28 -13.48
N PHE A 74 9.56 -8.89 -14.09
CA PHE A 74 9.41 -10.36 -13.94
C PHE A 74 10.54 -11.14 -14.62
N GLY A 75 11.10 -10.61 -15.70
CA GLY A 75 12.27 -11.23 -16.30
C GLY A 75 13.41 -11.29 -15.29
N LYS A 76 13.63 -10.21 -14.56
CA LYS A 76 14.67 -10.20 -13.52
C LYS A 76 14.32 -11.14 -12.38
N TYR A 77 13.06 -11.10 -11.90
CA TYR A 77 12.70 -12.03 -10.82
C TYR A 77 12.98 -13.49 -11.23
N ARG A 78 12.57 -13.84 -12.44
CA ARG A 78 12.70 -15.24 -12.90
C ARG A 78 14.17 -15.63 -12.96
N GLU A 79 15.00 -14.74 -13.48
CA GLU A 79 16.43 -15.07 -13.56
C GLU A 79 17.06 -15.13 -12.17
N ILE A 80 16.68 -14.20 -11.28
CA ILE A 80 17.22 -14.26 -9.91
C ILE A 80 16.94 -15.61 -9.26
N VAL A 81 15.69 -16.07 -9.35
CA VAL A 81 15.35 -17.35 -8.70
CA VAL A 81 15.37 -17.35 -8.69
C VAL A 81 16.06 -18.54 -9.35
N ALA A 82 16.38 -18.42 -10.64
CA ALA A 82 17.08 -19.52 -11.34
C ALA A 82 18.60 -19.44 -11.22
N SER A 83 19.11 -18.35 -10.62
CA SER A 83 20.55 -17.99 -10.70
C SER A 83 21.52 -18.70 -9.77
N GLY A 84 20.99 -19.49 -8.84
CA GLY A 84 21.88 -20.29 -7.96
C GLY A 84 22.30 -19.53 -6.71
N LEU A 85 21.67 -18.38 -6.41
CA LEU A 85 21.98 -17.64 -5.18
C LEU A 85 21.43 -18.43 -3.98
N ASP A 86 22.04 -18.35 -2.79
CA ASP A 86 21.44 -18.99 -1.62
C ASP A 86 20.09 -18.32 -1.25
N SER A 87 19.36 -18.88 -0.29
CA SER A 87 17.99 -18.40 -0.06
C SER A 87 17.94 -16.93 0.39
N ARG A 88 18.77 -16.57 1.38
CA ARG A 88 18.74 -15.18 1.85
C ARG A 88 19.17 -14.23 0.73
N ALA A 89 20.23 -14.60 -0.01
CA ALA A 89 20.70 -13.71 -1.07
C ALA A 89 19.66 -13.56 -2.19
N THR A 90 18.93 -14.66 -2.43
CA THR A 90 17.87 -14.64 -3.45
C THR A 90 16.78 -13.63 -3.04
N LEU A 91 16.35 -13.72 -1.78
CA LEU A 91 15.32 -12.80 -1.29
C LEU A 91 15.83 -11.37 -1.33
N GLU A 92 17.09 -11.19 -0.93
CA GLU A 92 17.67 -9.83 -0.98
C GLU A 92 17.67 -9.29 -2.40
N ALA A 93 18.00 -10.16 -3.36
CA ALA A 93 18.05 -9.73 -4.77
C ALA A 93 16.66 -9.37 -5.29
N LEU A 94 15.66 -10.19 -4.96
CA LEU A 94 14.30 -9.89 -5.39
C LEU A 94 13.84 -8.53 -4.87
N VAL A 95 14.07 -8.27 -3.59
CA VAL A 95 13.62 -7.03 -2.98
C VAL A 95 14.36 -5.84 -3.59
N THR A 96 15.67 -6.00 -3.76
CA THR A 96 16.48 -4.93 -4.34
C THR A 96 16.00 -4.60 -5.75
N THR A 97 15.61 -5.63 -6.51
CA THR A 97 15.09 -5.44 -7.86
C THR A 97 13.81 -4.64 -7.81
N SER A 98 12.98 -4.92 -6.83
CA SER A 98 11.73 -4.15 -6.72
C SER A 98 12.01 -2.67 -6.44
N TYR A 99 12.89 -2.41 -5.47
CA TYR A 99 13.24 -1.03 -5.16
C TYR A 99 13.86 -0.35 -6.37
N GLU A 100 14.70 -1.06 -7.14
CA GLU A 100 15.30 -0.44 -8.31
CA GLU A 100 15.30 -0.44 -8.32
C GLU A 100 14.22 0.02 -9.30
N ALA A 101 13.14 -0.77 -9.43
CA ALA A 101 12.01 -0.37 -10.30
C ALA A 101 11.27 0.87 -9.77
N ILE A 102 11.15 1.00 -8.45
CA ILE A 102 10.54 2.24 -7.87
C ILE A 102 11.31 3.46 -8.32
N ASP A 103 12.64 3.31 -8.44
CA ASP A 103 13.50 4.41 -8.92
C ASP A 103 13.45 4.61 -10.43
N ALA A 104 13.49 3.51 -11.18
CA ALA A 104 13.63 3.58 -12.64
C ALA A 104 12.30 3.73 -13.38
N SER A 105 11.22 3.26 -12.74
CA SER A 105 9.89 3.18 -13.38
C SER A 105 8.83 3.66 -12.40
N HIS A 106 9.11 4.81 -11.81
CA HIS A 106 8.31 5.31 -10.69
C HIS A 106 6.81 5.39 -11.03
N SER A 107 6.47 6.02 -12.17
CA SER A 107 5.08 6.17 -12.54
CA SER A 107 5.06 6.18 -12.49
C SER A 107 4.40 4.83 -12.75
N ALA A 108 5.09 3.92 -13.45
CA ALA A 108 4.52 2.59 -13.69
C ALA A 108 4.25 1.86 -12.39
N VAL A 109 5.22 1.96 -11.46
CA VAL A 109 5.04 1.29 -10.14
C VAL A 109 3.84 1.88 -9.42
N ALA A 110 3.71 3.20 -9.44
CA ALA A 110 2.54 3.83 -8.80
C ALA A 110 1.22 3.35 -9.38
N ILE A 111 1.17 3.22 -10.70
CA ILE A 111 -0.04 2.73 -11.34
C ILE A 111 -0.28 1.27 -10.93
N TYR A 112 0.78 0.45 -10.96
CA TYR A 112 0.67 -0.95 -10.53
C TYR A 112 0.21 -1.12 -9.08
N GLN A 113 0.72 -0.28 -8.20
CA GLN A 113 0.45 -0.40 -6.76
C GLN A 113 -0.94 0.10 -6.38
N ASP A 114 -1.36 1.24 -6.95
CA ASP A 114 -2.52 1.98 -6.44
C ASP A 114 -3.59 2.19 -7.45
N GLU A 115 -3.34 1.85 -8.72
CA GLU A 115 -4.26 2.27 -9.79
C GLU A 115 -4.98 1.21 -10.60
N VAL A 116 -4.69 -0.07 -10.34
CA VAL A 116 -5.15 -1.18 -11.21
C VAL A 116 -6.10 -2.19 -10.58
N LYS A 117 -6.62 -1.86 -9.40
CA LYS A 117 -7.63 -2.71 -8.75
C LYS A 117 -8.75 -3.06 -9.73
N HIS A 118 -9.18 -2.06 -10.46
CA HIS A 118 -10.33 -2.16 -11.33
C HIS A 118 -9.99 -2.65 -12.76
N LEU A 119 -8.71 -2.90 -13.06
CA LEU A 119 -8.37 -3.46 -14.38
C LEU A 119 -8.64 -4.97 -14.47
N VAL A 120 -8.81 -5.60 -13.30
CA VAL A 120 -9.10 -7.03 -13.20
C VAL A 120 -10.36 -7.41 -13.98
N ALA A 121 -11.33 -6.51 -14.00
CA ALA A 121 -12.59 -6.72 -14.71
C ALA A 121 -12.42 -6.80 -16.24
N ASN A 122 -11.30 -6.26 -16.75
CA ASN A 122 -11.06 -6.07 -18.18
C ASN A 122 -10.21 -7.21 -18.73
N GLU A 123 -10.79 -7.95 -19.69
CA GLU A 123 -10.18 -9.02 -20.48
CA GLU A 123 -10.11 -9.08 -20.30
C GLU A 123 -8.74 -8.73 -20.85
N ARG A 124 -8.53 -7.49 -21.27
CA ARG A 124 -7.25 -7.11 -21.84
C ARG A 124 -6.12 -7.20 -20.80
N PHE A 125 -6.51 -7.17 -19.54
CA PHE A 125 -5.52 -7.13 -18.45
C PHE A 125 -5.53 -8.42 -17.61
N THR A 126 -6.03 -9.49 -18.18
CA THR A 126 -5.95 -10.79 -17.48
C THR A 126 -4.52 -11.14 -17.03
N TYR A 127 -3.53 -10.69 -17.79
CA TYR A 127 -2.13 -10.95 -17.44
C TYR A 127 -1.77 -10.43 -16.06
N LEU A 128 -2.46 -9.39 -15.59
CA LEU A 128 -2.18 -8.89 -14.23
C LEU A 128 -2.46 -9.98 -13.19
N SER A 129 -3.58 -10.71 -13.32
CA SER A 129 -3.88 -11.76 -12.34
CA SER A 129 -3.91 -11.79 -12.38
C SER A 129 -2.88 -12.93 -12.49
N GLU A 130 -2.48 -13.22 -13.72
CA GLU A 130 -1.48 -14.27 -13.96
C GLU A 130 -0.18 -13.89 -13.27
N LEU A 131 0.18 -12.62 -13.38
CA LEU A 131 1.42 -12.19 -12.73
C LEU A 131 1.30 -12.20 -11.21
N ASN A 132 0.12 -11.91 -10.67
CA ASN A 132 -0.05 -12.07 -9.21
C ASN A 132 0.16 -13.51 -8.76
N THR A 133 -0.39 -14.44 -9.53
CA THR A 133 -0.21 -15.86 -9.21
C THR A 133 1.28 -16.20 -9.27
N GLU A 134 1.94 -15.74 -10.34
CA GLU A 134 3.36 -16.03 -10.55
C GLU A 134 4.27 -15.39 -9.48
N PHE A 135 3.96 -14.14 -9.11
CA PHE A 135 4.74 -13.45 -8.09
C PHE A 135 4.69 -14.27 -6.78
N ARG A 136 3.50 -14.81 -6.44
CA ARG A 136 3.35 -15.63 -5.21
C ARG A 136 4.19 -16.90 -5.37
N GLU A 137 4.09 -17.57 -6.52
CA GLU A 137 4.85 -18.80 -6.77
CA GLU A 137 4.86 -18.81 -6.74
C GLU A 137 6.35 -18.55 -6.58
N LEU A 138 6.83 -17.46 -7.18
CA LEU A 138 8.26 -17.13 -7.14
C LEU A 138 8.72 -16.80 -5.73
N TRP A 139 8.08 -15.80 -5.13
CA TRP A 139 8.53 -15.31 -3.84
C TRP A 139 8.21 -16.29 -2.71
N MSE A 140 6.99 -16.83 -2.69
CA MSE A 140 6.66 -17.78 -1.64
C MSE A 140 7.48 -19.06 -1.80
O MSE A 140 7.84 -19.69 -0.82
CB MSE A 140 5.14 -17.97 -1.49
CG MSE A 140 4.74 -18.72 -0.23
SE MSE A 140 2.82 -18.65 -0.21
CE MSE A 140 2.63 -20.21 0.94
N GLY A 141 7.86 -19.41 -3.04
CA GLY A 141 8.77 -20.51 -3.25
C GLY A 141 10.15 -20.31 -2.61
N VAL A 142 10.67 -19.09 -2.74
CA VAL A 142 11.93 -18.72 -2.09
C VAL A 142 11.81 -18.84 -0.58
N LEU A 143 10.69 -18.35 -0.04
CA LEU A 143 10.48 -18.49 1.40
C LEU A 143 10.45 -19.94 1.84
N GLU A 144 9.73 -20.78 1.09
CA GLU A 144 9.61 -22.19 1.46
C GLU A 144 10.99 -22.86 1.45
N ALA A 145 11.76 -22.59 0.40
CA ALA A 145 13.10 -23.18 0.24
C ALA A 145 14.03 -22.70 1.38
N GLY A 146 13.86 -21.45 1.81
CA GLY A 146 14.73 -20.94 2.86
C GLY A 146 14.30 -21.42 4.25
N VAL A 147 13.03 -21.71 4.43
CA VAL A 147 12.65 -22.38 5.69
C VAL A 147 13.27 -23.80 5.72
N LYS A 148 13.11 -24.52 4.61
CA LYS A 148 13.56 -25.93 4.55
C LYS A 148 15.07 -26.02 4.76
N ASP A 149 15.81 -25.05 4.20
CA ASP A 149 17.26 -25.08 4.32
C ASP A 149 17.85 -24.37 5.56
N GLY A 150 16.98 -23.87 6.44
CA GLY A 150 17.42 -23.27 7.69
C GLY A 150 17.75 -21.78 7.64
N SER A 151 17.59 -21.15 6.47
CA SER A 151 17.94 -19.72 6.34
C SER A 151 16.92 -18.84 7.04
N PHE A 152 15.67 -19.27 6.98
CA PHE A 152 14.57 -18.49 7.55
C PHE A 152 13.92 -19.28 8.67
N ARG A 153 13.27 -18.55 9.57
CA ARG A 153 12.74 -19.16 10.79
C ARG A 153 11.62 -20.13 10.47
N SER A 154 11.54 -21.19 11.25
CA SER A 154 10.50 -22.20 11.05
C SER A 154 9.24 -21.93 11.87
N ASP A 155 9.22 -20.83 12.62
CA ASP A 155 8.05 -20.49 13.43
C ASP A 155 7.23 -19.30 12.90
N ILE A 156 7.45 -18.93 11.64
CA ILE A 156 6.67 -17.91 10.98
C ILE A 156 5.91 -18.60 9.84
N ASP A 157 4.62 -18.32 9.73
CA ASP A 157 3.84 -18.88 8.65
C ASP A 157 4.30 -18.30 7.32
N VAL A 158 4.57 -19.19 6.36
CA VAL A 158 5.11 -18.73 5.07
C VAL A 158 4.12 -17.92 4.21
N GLU A 159 2.83 -18.22 4.33
CA GLU A 159 1.84 -17.45 3.57
C GLU A 159 1.77 -16.04 4.17
N LEU A 160 1.72 -15.92 5.51
CA LEU A 160 1.71 -14.59 6.11
C LEU A 160 2.97 -13.80 5.76
N ALA A 161 4.12 -14.47 5.81
CA ALA A 161 5.39 -13.80 5.45
C ALA A 161 5.35 -13.37 4.01
N PHE A 162 4.87 -14.25 3.12
CA PHE A 162 4.70 -13.86 1.74
C PHE A 162 3.79 -12.63 1.59
N ARG A 163 2.65 -12.69 2.25
CA ARG A 163 1.72 -11.55 2.08
C ARG A 163 2.34 -10.25 2.60
N PHE A 164 3.14 -10.34 3.66
CA PHE A 164 3.84 -9.13 4.15
C PHE A 164 4.77 -8.59 3.04
N LEU A 165 5.55 -9.48 2.43
CA LEU A 165 6.45 -9.02 1.36
C LEU A 165 5.70 -8.45 0.18
N ARG A 166 4.61 -9.13 -0.17
CA ARG A 166 3.83 -8.70 -1.34
C ARG A 166 3.23 -7.31 -1.09
N ASP A 167 2.66 -7.16 0.07
CA ASP A 167 1.96 -5.92 0.37
CA ASP A 167 1.94 -5.89 0.24
C ASP A 167 2.82 -4.76 0.71
N THR A 168 4.07 -5.05 1.01
CA THR A 168 5.00 -3.95 1.25
C THR A 168 5.99 -3.72 0.10
N ALA A 169 5.83 -4.44 -1.02
CA ALA A 169 6.84 -4.32 -2.11
C ALA A 169 6.95 -2.92 -2.70
N TRP A 170 5.78 -2.28 -2.84
CA TRP A 170 5.71 -1.06 -3.68
C TRP A 170 5.33 0.17 -2.90
N VAL A 171 5.03 0.00 -1.61
CA VAL A 171 4.45 1.11 -0.82
C VAL A 171 5.31 2.36 -0.76
N ALA A 172 6.65 2.20 -0.84
CA ALA A 172 7.51 3.38 -0.81
C ALA A 172 7.29 4.30 -2.00
N VAL A 173 6.61 3.81 -3.04
CA VAL A 173 6.39 4.67 -4.21
C VAL A 173 5.60 5.92 -3.82
N ARG A 174 4.85 5.87 -2.73
CA ARG A 174 4.02 7.02 -2.32
C ARG A 174 4.88 8.22 -1.87
N TRP A 175 6.11 7.96 -1.39
CA TRP A 175 6.97 9.05 -0.90
C TRP A 175 8.36 9.12 -1.55
N TYR A 176 8.83 8.02 -2.16
CA TYR A 176 10.20 7.98 -2.67
C TYR A 176 10.34 8.88 -3.88
N ARG A 177 11.41 9.67 -3.92
CA ARG A 177 11.65 10.52 -5.08
C ARG A 177 12.91 10.08 -5.81
N PRO A 178 12.75 9.63 -7.06
CA PRO A 178 13.91 9.34 -7.90
C PRO A 178 14.76 10.59 -8.10
N GLY A 179 16.08 10.46 -7.99
CA GLY A 179 16.97 11.63 -8.15
C GLY A 179 17.26 12.35 -6.84
N GLY A 180 16.66 11.89 -5.75
CA GLY A 180 16.92 12.49 -4.43
C GLY A 180 18.25 12.03 -3.84
N SER A 181 18.69 12.68 -2.76
CA SER A 181 19.94 12.29 -2.10
C SER A 181 19.85 10.89 -1.46
N VAL A 182 18.64 10.48 -1.08
CA VAL A 182 18.38 9.13 -0.53
C VAL A 182 18.30 8.11 -1.67
N THR A 183 19.31 7.23 -1.77
CA THR A 183 19.36 6.31 -2.90
C THR A 183 18.40 5.17 -2.64
N VAL A 184 17.84 4.64 -3.70
CA VAL A 184 16.85 3.61 -3.52
C VAL A 184 17.57 2.41 -2.91
N ASP A 185 18.87 2.27 -3.19
CA ASP A 185 19.75 1.28 -2.56
C ASP A 185 19.86 1.33 -1.00
N THR A 186 20.14 2.51 -0.47
CA THR A 186 20.00 2.75 0.97
C THR A 186 18.64 2.28 1.50
N VAL A 187 17.57 2.64 0.81
CA VAL A 187 16.23 2.27 1.24
C VAL A 187 16.06 0.73 1.22
N ALA A 188 16.48 0.08 0.12
CA ALA A 188 16.42 -1.39 0.03
C ALA A 188 17.20 -2.05 1.15
N LYS A 189 18.42 -1.58 1.40
CA LYS A 189 19.27 -2.24 2.37
C LYS A 189 18.66 -2.13 3.75
N GLN A 190 18.06 -0.98 4.06
CA GLN A 190 17.45 -0.84 5.39
C GLN A 190 16.20 -1.68 5.54
N TYR A 191 15.36 -1.68 4.50
CA TYR A 191 14.15 -2.51 4.55
C TYR A 191 14.57 -3.97 4.81
N LEU A 192 15.59 -4.42 4.06
CA LEU A 192 16.03 -5.79 4.20
C LEU A 192 16.63 -6.08 5.57
N SER A 193 17.36 -5.11 6.11
CA SER A 193 17.96 -5.32 7.43
C SER A 193 16.86 -5.49 8.50
N ILE A 194 15.82 -4.67 8.38
CA ILE A 194 14.68 -4.79 9.33
C ILE A 194 13.94 -6.12 9.17
N VAL A 195 13.54 -6.42 7.95
CA VAL A 195 12.74 -7.61 7.69
C VAL A 195 13.52 -8.91 7.96
N LEU A 196 14.81 -8.94 7.62
CA LEU A 196 15.57 -10.17 7.87
C LEU A 196 16.17 -10.27 9.28
N ASP A 197 16.67 -9.15 9.81
CA ASP A 197 17.40 -9.19 11.09
C ASP A 197 16.69 -8.49 12.27
N GLY A 198 15.61 -7.75 11.97
CA GLY A 198 14.77 -7.16 13.01
C GLY A 198 15.23 -5.77 13.43
N LEU A 199 14.25 -4.98 13.85
CA LEU A 199 14.48 -3.64 14.38
C LEU A 199 15.02 -3.68 15.82
N ALA A 200 14.67 -4.72 16.58
CA ALA A 200 15.14 -4.79 17.99
C ALA A 200 16.64 -5.00 18.06
N SER A 201 17.26 -4.45 19.11
CA SER A 201 18.66 -4.74 19.38
C SER A 201 18.84 -6.24 19.66
N PRO A 202 19.90 -6.85 19.07
CA PRO A 202 20.20 -8.27 19.29
C PRO A 202 20.81 -8.54 20.68
N ARG B 15 -30.80 1.81 12.26
CA ARG B 15 -31.06 2.01 10.81
C ARG B 15 -30.04 2.96 10.16
N ARG B 16 -29.80 4.12 10.79
CA ARG B 16 -28.84 5.08 10.25
C ARG B 16 -27.42 4.48 10.25
N THR B 17 -27.14 3.67 11.26
CA THR B 17 -25.87 2.94 11.37
C THR B 17 -25.71 1.86 10.29
N GLU B 18 -26.78 1.11 10.03
CA GLU B 18 -26.78 0.08 9.00
C GLU B 18 -26.49 0.67 7.62
N LEU B 19 -27.11 1.81 7.35
CA LEU B 19 -26.97 2.49 6.07
C LEU B 19 -25.54 2.99 5.88
N LEU B 20 -24.99 3.57 6.93
CA LEU B 20 -23.63 4.10 6.91
C LEU B 20 -22.61 2.98 6.65
N ASP B 21 -22.82 1.82 7.26
CA ASP B 21 -22.02 0.63 6.98
C ASP B 21 -22.11 0.14 5.54
N ILE B 22 -23.31 0.13 4.98
CA ILE B 22 -23.52 -0.27 3.60
C ILE B 22 -22.77 0.69 2.67
N ALA B 23 -22.91 2.00 2.94
CA ALA B 23 -22.17 3.02 2.20
C ALA B 23 -20.67 2.74 2.29
N ALA B 24 -20.18 2.47 3.50
CA ALA B 24 -18.74 2.29 3.71
C ALA B 24 -18.19 1.12 2.87
N THR B 25 -18.94 0.02 2.85
CA THR B 25 -18.59 -1.14 2.03
C THR B 25 -18.52 -0.77 0.54
N LEU B 26 -19.49 0.01 0.05
CA LEU B 26 -19.46 0.42 -1.36
C LEU B 26 -18.26 1.31 -1.67
N PHE B 27 -18.02 2.29 -0.81
CA PHE B 27 -16.87 3.17 -0.95
C PHE B 27 -15.58 2.36 -1.03
N ALA B 28 -15.46 1.37 -0.15
CA ALA B 28 -14.23 0.56 -0.12
C ALA B 28 -14.13 -0.34 -1.35
N GLU B 29 -15.27 -0.83 -1.85
CA GLU B 29 -15.28 -1.82 -2.93
C GLU B 29 -15.27 -1.21 -4.33
N ARG B 30 -16.04 -0.13 -4.54
CA ARG B 30 -16.12 0.62 -5.80
C ARG B 30 -15.22 1.86 -5.86
N GLY B 31 -14.93 2.44 -4.69
CA GLY B 31 -14.27 3.73 -4.59
C GLY B 31 -15.31 4.83 -4.47
N LEU B 32 -14.89 5.96 -3.90
CA LEU B 32 -15.76 7.09 -3.59
C LEU B 32 -16.41 7.68 -4.82
N ARG B 33 -15.60 7.97 -5.84
CA ARG B 33 -16.11 8.68 -7.04
C ARG B 33 -16.96 7.83 -7.97
N ALA B 34 -16.82 6.52 -7.84
CA ALA B 34 -17.60 5.57 -8.61
C ALA B 34 -18.87 5.17 -7.87
N THR B 35 -19.10 5.76 -6.71
CA THR B 35 -20.30 5.47 -5.92
C THR B 35 -21.20 6.70 -5.84
N THR B 36 -22.46 6.51 -6.23
CA THR B 36 -23.46 7.59 -6.15
C THR B 36 -24.45 7.29 -5.01
N VAL B 37 -25.21 8.30 -4.62
CA VAL B 37 -26.34 8.13 -3.69
C VAL B 37 -27.28 7.01 -4.14
N ARG B 38 -27.64 6.96 -5.42
CA ARG B 38 -28.55 5.88 -5.87
CA ARG B 38 -28.51 5.89 -5.93
C ARG B 38 -27.91 4.51 -5.67
N ASP B 39 -26.59 4.39 -5.89
CA ASP B 39 -25.87 3.13 -5.65
C ASP B 39 -26.04 2.68 -4.18
N ILE B 40 -25.90 3.63 -3.26
CA ILE B 40 -25.96 3.35 -1.83
C ILE B 40 -27.39 2.96 -1.48
N ALA B 41 -28.35 3.75 -2.00
CA ALA B 41 -29.77 3.46 -1.82
C ALA B 41 -30.13 2.06 -2.29
N ASP B 42 -29.77 1.75 -3.54
CA ASP B 42 -30.03 0.44 -4.14
C ASP B 42 -29.48 -0.70 -3.28
N ALA B 43 -28.24 -0.53 -2.82
CA ALA B 43 -27.58 -1.57 -2.03
C ALA B 43 -28.27 -1.76 -0.69
N ALA B 44 -28.85 -0.68 -0.17
CA ALA B 44 -29.57 -0.70 1.10
C ALA B 44 -31.05 -1.11 0.91
N GLY B 45 -31.46 -1.30 -0.34
CA GLY B 45 -32.84 -1.68 -0.67
C GLY B 45 -33.86 -0.61 -0.32
N ILE B 46 -33.40 0.64 -0.30
CA ILE B 46 -34.25 1.77 0.04
C ILE B 46 -34.22 2.80 -1.11
N LEU B 47 -35.14 3.76 -1.04
CA LEU B 47 -35.17 4.87 -1.98
C LEU B 47 -34.17 5.95 -1.59
N SER B 48 -33.68 6.67 -2.59
CA SER B 48 -32.72 7.76 -2.35
C SER B 48 -33.24 8.78 -1.36
N GLY B 49 -34.53 9.10 -1.45
CA GLY B 49 -35.17 10.01 -0.52
C GLY B 49 -34.99 9.59 0.93
N SER B 50 -35.03 8.28 1.16
CA SER B 50 -34.83 7.74 2.51
C SER B 50 -33.40 7.94 3.01
N LEU B 51 -32.44 7.95 2.09
CA LEU B 51 -31.04 8.25 2.45
C LEU B 51 -30.86 9.67 2.97
N TYR B 52 -31.42 10.63 2.22
CA TYR B 52 -31.32 12.05 2.55
C TYR B 52 -32.00 12.42 3.86
N HIS B 53 -32.86 11.54 4.34
CA HIS B 53 -33.49 11.67 5.65
C HIS B 53 -32.45 11.50 6.76
N HIS B 54 -31.42 10.70 6.49
CA HIS B 54 -30.41 10.38 7.49
C HIS B 54 -29.14 11.19 7.34
N PHE B 55 -28.78 11.48 6.08
CA PHE B 55 -27.49 12.11 5.74
C PHE B 55 -27.72 13.15 4.68
N ASP B 56 -26.97 14.25 4.72
CA ASP B 56 -27.22 15.32 3.75
C ASP B 56 -26.42 15.16 2.46
N SER B 57 -25.38 14.33 2.49
CA SER B 57 -24.57 14.14 1.29
C SER B 57 -23.69 12.91 1.41
N LYS B 58 -23.27 12.38 0.26
CA LYS B 58 -22.24 11.33 0.20
C LYS B 58 -20.97 11.78 0.94
N GLU B 59 -20.56 13.04 0.75
CA GLU B 59 -19.38 13.58 1.43
C GLU B 59 -19.50 13.56 2.96
N SER B 60 -20.68 13.93 3.48
CA SER B 60 -20.88 13.88 4.94
C SER B 60 -20.79 12.45 5.49
N MSE B 61 -21.22 11.49 4.68
CA MSE B 61 -21.11 10.08 5.05
C MSE B 61 -19.65 9.65 5.13
O MSE B 61 -19.25 9.04 6.12
CB MSE B 61 -21.87 9.21 4.07
CG MSE B 61 -23.33 9.53 4.08
SE MSE B 61 -24.34 8.44 2.84
CE MSE B 61 -24.54 6.83 3.97
N VAL B 62 -18.86 9.99 4.10
CA VAL B 62 -17.41 9.69 4.14
C VAL B 62 -16.75 10.30 5.38
N ASP B 63 -17.11 11.54 5.67
CA ASP B 63 -16.57 12.28 6.81
C ASP B 63 -16.86 11.54 8.12
N GLU B 64 -18.10 11.12 8.32
CA GLU B 64 -18.48 10.43 9.55
C GLU B 64 -17.81 9.06 9.64
N ILE B 65 -17.68 8.37 8.51
CA ILE B 65 -17.01 7.06 8.52
C ILE B 65 -15.55 7.22 8.96
N LEU B 66 -14.85 8.19 8.36
CA LEU B 66 -13.44 8.39 8.69
C LEU B 66 -13.27 8.82 10.13
N ARG B 67 -14.05 9.79 10.58
CA ARG B 67 -13.90 10.30 11.94
C ARG B 67 -14.17 9.24 13.02
N GLY B 68 -15.19 8.41 12.82
CA GLY B 68 -15.50 7.34 13.75
C GLY B 68 -14.29 6.44 13.96
N PHE B 69 -13.70 6.01 12.86
CA PHE B 69 -12.52 5.18 12.86
C PHE B 69 -11.33 5.90 13.49
N LEU B 70 -11.03 7.09 12.99
CA LEU B 70 -9.82 7.76 13.41
C LEU B 70 -9.89 8.27 14.85
N ASP B 71 -11.07 8.72 15.27
CA ASP B 71 -11.18 9.18 16.65
C ASP B 71 -10.86 8.06 17.63
N ASP B 72 -11.45 6.89 17.40
CA ASP B 72 -11.22 5.77 18.29
C ASP B 72 -9.75 5.35 18.24
N LEU B 73 -9.22 5.26 17.02
CA LEU B 73 -7.84 4.82 16.81
C LEU B 73 -6.84 5.70 17.54
N PHE B 74 -6.91 7.01 17.28
CA PHE B 74 -5.91 7.90 17.89
C PHE B 74 -6.11 8.04 19.39
N GLY B 75 -7.36 7.94 19.84
CA GLY B 75 -7.57 7.85 21.29
C GLY B 75 -6.79 6.70 21.90
N LYS B 76 -6.83 5.55 21.25
CA LYS B 76 -6.09 4.40 21.75
CA LYS B 76 -6.08 4.38 21.71
C LYS B 76 -4.57 4.60 21.62
N TYR B 77 -4.11 5.16 20.49
CA TYR B 77 -2.67 5.40 20.35
C TYR B 77 -2.16 6.30 21.49
N ARG B 78 -2.94 7.35 21.79
N ARG B 78 -2.92 7.37 21.79
CA ARG B 78 -2.53 8.35 22.78
CA ARG B 78 -2.46 8.32 22.79
C ARG B 78 -2.47 7.69 24.16
C ARG B 78 -2.42 7.63 24.16
N GLU B 79 -3.47 6.86 24.45
CA GLU B 79 -3.48 6.11 25.71
CA GLU B 79 -3.48 6.09 25.70
C GLU B 79 -2.28 5.17 25.79
N ILE B 80 -1.99 4.45 24.71
CA ILE B 80 -0.84 3.55 24.74
C ILE B 80 0.48 4.27 25.00
N VAL B 81 0.72 5.38 24.29
CA VAL B 81 1.96 6.09 24.46
C VAL B 81 2.10 6.65 25.88
N ALA B 82 0.95 6.99 26.49
CA ALA B 82 0.93 7.54 27.86
C ALA B 82 0.95 6.47 28.96
N SER B 83 0.87 5.19 28.56
CA SER B 83 0.58 4.12 29.52
C SER B 83 1.78 3.56 30.27
N GLY B 84 2.99 3.99 29.91
CA GLY B 84 4.17 3.62 30.68
C GLY B 84 4.69 2.22 30.39
N LEU B 85 4.44 1.70 29.20
CA LEU B 85 5.04 0.44 28.77
C LEU B 85 6.48 0.68 28.34
N ASP B 86 7.27 -0.38 28.30
CA ASP B 86 8.63 -0.24 27.80
C ASP B 86 8.57 0.01 26.27
N SER B 87 9.69 0.37 25.66
CA SER B 87 9.67 0.80 24.26
C SER B 87 9.17 -0.27 23.30
N ARG B 88 9.68 -1.49 23.43
CA ARG B 88 9.20 -2.53 22.51
C ARG B 88 7.71 -2.81 22.76
N ALA B 89 7.32 -2.92 24.03
CA ALA B 89 5.91 -3.26 24.31
C ALA B 89 4.99 -2.16 23.80
N THR B 90 5.46 -0.90 23.85
CA THR B 90 4.66 0.23 23.36
C THR B 90 4.45 0.12 21.84
N LEU B 91 5.54 -0.17 21.12
CA LEU B 91 5.44 -0.36 19.67
C LEU B 91 4.53 -1.56 19.33
N GLU B 92 4.70 -2.65 20.07
CA GLU B 92 3.84 -3.82 19.83
C GLU B 92 2.36 -3.44 20.03
N ALA B 93 2.06 -2.67 21.07
CA ALA B 93 0.66 -2.29 21.32
C ALA B 93 0.10 -1.37 20.25
N LEU B 94 0.92 -0.46 19.76
CA LEU B 94 0.47 0.49 18.73
C LEU B 94 0.13 -0.29 17.46
N VAL B 95 1.02 -1.21 17.09
CA VAL B 95 0.78 -2.00 15.87
C VAL B 95 -0.44 -2.91 16.04
N THR B 96 -0.56 -3.53 17.21
CA THR B 96 -1.69 -4.43 17.43
C THR B 96 -3.01 -3.65 17.37
N THR B 97 -3.01 -2.42 17.90
CA THR B 97 -4.19 -1.54 17.81
C THR B 97 -4.56 -1.26 16.36
N SER B 98 -3.56 -1.00 15.52
CA SER B 98 -3.83 -0.73 14.10
C SER B 98 -4.49 -1.97 13.46
N TYR B 99 -3.94 -3.16 13.75
CA TYR B 99 -4.50 -4.36 13.15
C TYR B 99 -5.91 -4.62 13.66
N GLU B 100 -6.17 -4.38 14.94
CA GLU B 100 -7.51 -4.57 15.48
CA GLU B 100 -7.50 -4.57 15.48
C GLU B 100 -8.50 -3.66 14.74
N ALA B 101 -8.05 -2.44 14.35
CA ALA B 101 -8.95 -1.55 13.60
C ALA B 101 -9.24 -2.14 12.20
N ILE B 102 -8.26 -2.81 11.58
CA ILE B 102 -8.51 -3.44 10.30
C ILE B 102 -9.61 -4.51 10.43
N ASP B 103 -9.64 -5.22 11.55
CA ASP B 103 -10.67 -6.24 11.76
C ASP B 103 -12.03 -5.59 12.11
N ALA B 104 -12.00 -4.54 12.94
CA ALA B 104 -13.24 -3.94 13.42
C ALA B 104 -13.91 -3.00 12.43
N SER B 105 -13.09 -2.33 11.64
CA SER B 105 -13.50 -1.21 10.79
C SER B 105 -12.88 -1.37 9.42
N HIS B 106 -13.02 -2.56 8.87
CA HIS B 106 -12.34 -2.87 7.66
C HIS B 106 -12.58 -1.85 6.54
N SER B 107 -13.84 -1.55 6.29
CA SER B 107 -14.14 -0.61 5.19
C SER B 107 -13.57 0.77 5.42
N ALA B 108 -13.63 1.24 6.67
CA ALA B 108 -13.10 2.56 7.00
C ALA B 108 -11.60 2.61 6.75
N VAL B 109 -10.90 1.52 7.12
CA VAL B 109 -9.47 1.48 6.92
C VAL B 109 -9.19 1.48 5.43
N ALA B 110 -9.94 0.71 4.64
CA ALA B 110 -9.70 0.67 3.20
C ALA B 110 -9.91 2.05 2.59
N ILE B 111 -10.96 2.75 3.02
CA ILE B 111 -11.21 4.10 2.51
C ILE B 111 -10.04 5.02 2.86
N TYR B 112 -9.64 5.02 4.14
CA TYR B 112 -8.47 5.80 4.59
C TYR B 112 -7.16 5.48 3.83
N GLN B 113 -6.86 4.18 3.67
CA GLN B 113 -5.59 3.72 3.07
C GLN B 113 -5.54 3.90 1.56
N ASP B 114 -6.68 3.68 0.88
CA ASP B 114 -6.64 3.54 -0.58
C ASP B 114 -7.52 4.51 -1.36
N GLU B 115 -8.49 5.15 -0.69
CA GLU B 115 -9.59 5.81 -1.40
C GLU B 115 -9.69 7.33 -1.23
N VAL B 116 -8.79 7.94 -0.48
CA VAL B 116 -8.95 9.38 -0.24
C VAL B 116 -7.80 10.29 -0.70
N LYS B 117 -6.96 9.80 -1.63
CA LYS B 117 -5.83 10.62 -2.13
C LYS B 117 -6.35 11.96 -2.65
N HIS B 118 -7.55 11.95 -3.22
CA HIS B 118 -8.14 13.15 -3.84
C HIS B 118 -8.78 14.09 -2.81
N LEU B 119 -8.86 13.65 -1.56
CA LEU B 119 -9.44 14.46 -0.47
C LEU B 119 -8.41 15.12 0.45
N VAL B 120 -7.15 14.68 0.37
CA VAL B 120 -6.09 15.21 1.26
C VAL B 120 -5.90 16.72 1.11
N ALA B 121 -6.07 17.24 -0.11
CA ALA B 121 -5.95 18.68 -0.32
C ALA B 121 -7.26 19.46 -0.10
N ASN B 122 -8.35 18.72 0.20
CA ASN B 122 -9.67 19.34 0.41
C ASN B 122 -9.82 19.93 1.83
N GLU B 123 -10.38 21.13 1.90
CA GLU B 123 -10.54 21.91 3.15
C GLU B 123 -11.22 21.19 4.31
N ARG B 124 -12.37 20.57 4.05
CA ARG B 124 -13.17 19.95 5.12
C ARG B 124 -12.51 18.68 5.71
N PHE B 125 -11.48 18.16 5.02
CA PHE B 125 -10.72 16.98 5.47
C PHE B 125 -9.29 17.33 5.91
N THR B 126 -9.14 18.57 6.40
CA THR B 126 -7.86 19.05 6.93
C THR B 126 -7.33 18.14 8.03
N TYR B 127 -8.27 17.51 8.75
CA TYR B 127 -7.88 16.61 9.83
C TYR B 127 -6.97 15.43 9.38
N LEU B 128 -7.03 15.04 8.11
CA LEU B 128 -6.16 13.99 7.62
C LEU B 128 -4.70 14.39 7.79
N SER B 129 -4.38 15.63 7.46
CA SER B 129 -3.00 16.10 7.54
CA SER B 129 -3.00 16.10 7.55
C SER B 129 -2.57 16.26 9.00
N GLU B 130 -3.48 16.77 9.82
CA GLU B 130 -3.20 16.93 11.24
C GLU B 130 -2.90 15.57 11.87
N LEU B 131 -3.65 14.55 11.45
CA LEU B 131 -3.40 13.18 11.89
C LEU B 131 -2.08 12.56 11.41
N ASN B 132 -1.61 12.91 10.21
CA ASN B 132 -0.25 12.51 9.82
C ASN B 132 0.77 13.02 10.79
N THR B 133 0.61 14.28 11.18
CA THR B 133 1.53 14.92 12.09
C THR B 133 1.48 14.22 13.43
N GLU B 134 0.26 13.97 13.92
CA GLU B 134 0.10 13.34 15.23
C GLU B 134 0.60 11.91 15.21
N PHE B 135 0.30 11.17 14.13
CA PHE B 135 0.84 9.81 14.01
C PHE B 135 2.38 9.83 14.11
N ARG B 136 3.03 10.77 13.44
CA ARG B 136 4.46 10.89 13.55
C ARG B 136 4.89 11.24 14.97
N GLU B 137 4.27 12.25 15.60
CA GLU B 137 4.65 12.62 16.97
CA GLU B 137 4.58 12.62 17.01
C GLU B 137 4.64 11.37 17.86
N LEU B 138 3.56 10.59 17.77
CA LEU B 138 3.35 9.47 18.66
C LEU B 138 4.30 8.33 18.32
N TRP B 139 4.30 7.89 17.06
CA TRP B 139 5.09 6.74 16.67
C TRP B 139 6.60 7.03 16.59
N MSE B 140 6.98 8.17 15.99
CA MSE B 140 8.39 8.51 15.95
C MSE B 140 8.94 8.72 17.37
O MSE B 140 10.08 8.36 17.67
CB MSE B 140 8.67 9.73 15.03
CG MSE B 140 10.07 10.18 15.12
SE MSE B 140 11.30 8.85 14.34
CE MSE B 140 11.26 9.56 12.57
N GLY B 141 8.12 9.29 18.26
CA GLY B 141 8.54 9.43 19.65
C GLY B 141 8.94 8.10 20.28
N VAL B 142 8.15 7.06 19.98
CA VAL B 142 8.40 5.75 20.53
C VAL B 142 9.68 5.15 19.93
N LEU B 143 9.84 5.30 18.62
CA LEU B 143 11.05 4.81 17.95
CA LEU B 143 11.07 4.81 17.97
C LEU B 143 12.31 5.47 18.51
N GLU B 144 12.28 6.81 18.60
CA GLU B 144 13.43 7.53 19.12
C GLU B 144 13.75 7.13 20.54
N ALA B 145 12.71 7.00 21.38
CA ALA B 145 12.92 6.58 22.79
C ALA B 145 13.53 5.19 22.89
N GLY B 146 13.12 4.30 21.98
CA GLY B 146 13.63 2.93 21.98
C GLY B 146 15.05 2.83 21.44
N VAL B 147 15.42 3.69 20.49
CA VAL B 147 16.82 3.72 20.08
C VAL B 147 17.65 4.24 21.25
N LYS B 148 17.14 5.28 21.90
CA LYS B 148 17.91 5.87 23.01
C LYS B 148 18.12 4.89 24.19
N ASP B 149 17.08 4.10 24.50
CA ASP B 149 17.16 3.20 25.66
C ASP B 149 17.73 1.82 25.34
N GLY B 150 18.13 1.64 24.08
CA GLY B 150 18.77 0.42 23.63
C GLY B 150 17.83 -0.70 23.20
N SER B 151 16.53 -0.42 23.21
CA SER B 151 15.53 -1.40 22.75
C SER B 151 15.63 -1.70 21.26
N PHE B 152 15.86 -0.65 20.48
CA PHE B 152 15.89 -0.72 19.01
C PHE B 152 17.30 -0.41 18.55
N ARG B 153 17.67 -0.95 17.38
CA ARG B 153 19.03 -0.83 16.90
C ARG B 153 19.45 0.62 16.66
N SER B 154 20.69 0.92 17.04
CA SER B 154 21.26 2.28 16.84
C SER B 154 21.79 2.51 15.42
N ASP B 155 22.01 1.42 14.69
CA ASP B 155 22.64 1.53 13.36
C ASP B 155 21.63 1.74 12.23
N ILE B 156 20.35 1.80 12.57
CA ILE B 156 19.31 1.99 11.55
C ILE B 156 19.00 3.47 11.41
N ASP B 157 18.59 3.84 10.19
CA ASP B 157 18.14 5.19 9.89
C ASP B 157 16.72 5.34 10.45
N VAL B 158 16.58 6.14 11.51
CA VAL B 158 15.30 6.24 12.20
C VAL B 158 14.20 6.86 11.28
N GLU B 159 14.58 7.78 10.39
CA GLU B 159 13.60 8.34 9.47
C GLU B 159 13.02 7.27 8.54
N LEU B 160 13.88 6.42 7.97
CA LEU B 160 13.42 5.38 7.08
C LEU B 160 12.67 4.30 7.88
N ALA B 161 13.08 4.06 9.13
CA ALA B 161 12.33 3.10 9.95
C ALA B 161 10.92 3.60 10.23
N PHE B 162 10.79 4.90 10.53
CA PHE B 162 9.46 5.45 10.71
C PHE B 162 8.64 5.32 9.44
N ARG B 163 9.23 5.67 8.30
CA ARG B 163 8.51 5.61 7.02
C ARG B 163 8.02 4.17 6.83
N PHE B 164 8.86 3.21 7.17
CA PHE B 164 8.46 1.81 7.02
C PHE B 164 7.28 1.45 7.92
N LEU B 165 7.30 1.89 9.19
CA LEU B 165 6.15 1.64 10.08
C LEU B 165 4.86 2.33 9.59
N ARG B 166 4.97 3.56 9.12
CA ARG B 166 3.82 4.29 8.58
C ARG B 166 3.33 3.68 7.24
N ASP B 167 4.26 3.33 6.35
CA ASP B 167 3.89 2.80 5.02
C ASP B 167 3.14 1.50 5.16
N THR B 168 3.47 0.74 6.21
CA THR B 168 3.00 -0.64 6.28
C THR B 168 1.90 -0.88 7.29
N ALA B 169 1.46 0.18 7.97
CA ALA B 169 0.40 0.03 9.00
C ALA B 169 -0.90 -0.65 8.51
N TRP B 170 -1.34 -0.28 7.32
CA TRP B 170 -2.69 -0.57 6.83
C TRP B 170 -2.76 -1.49 5.62
N VAL B 171 -1.60 -1.86 5.08
CA VAL B 171 -1.56 -2.58 3.82
C VAL B 171 -2.28 -3.91 3.84
N ALA B 172 -2.33 -4.58 5.00
CA ALA B 172 -3.06 -5.88 5.05
C ALA B 172 -4.55 -5.71 4.80
N VAL B 173 -5.05 -4.47 4.79
CA VAL B 173 -6.48 -4.27 4.53
C VAL B 173 -6.93 -4.81 3.18
N ARG B 174 -6.00 -4.88 2.22
CA ARG B 174 -6.42 -5.34 0.92
C ARG B 174 -6.84 -6.81 0.90
N TRP B 175 -6.33 -7.60 1.85
CA TRP B 175 -6.69 -9.02 1.87
C TRP B 175 -7.38 -9.47 3.13
N TYR B 176 -7.03 -8.85 4.26
CA TYR B 176 -7.57 -9.34 5.52
C TYR B 176 -9.08 -9.09 5.59
N ARG B 177 -9.81 -10.11 5.99
CA ARG B 177 -11.24 -9.95 6.28
C ARG B 177 -11.58 -10.66 7.59
N PRO B 178 -12.54 -10.12 8.35
CA PRO B 178 -12.98 -10.83 9.54
C PRO B 178 -13.40 -12.24 9.24
N GLY B 179 -13.13 -13.17 10.15
CA GLY B 179 -13.63 -14.54 9.94
C GLY B 179 -12.75 -15.40 9.05
N GLY B 180 -11.54 -14.93 8.77
CA GLY B 180 -10.57 -15.74 8.04
C GLY B 180 -10.02 -16.87 8.92
N SER B 181 -9.06 -17.64 8.41
CA SER B 181 -8.68 -18.86 9.13
C SER B 181 -7.85 -18.60 10.37
N VAL B 182 -7.21 -17.43 10.44
CA VAL B 182 -6.63 -16.97 11.70
C VAL B 182 -7.14 -15.57 12.03
N THR B 183 -7.07 -15.26 13.32
CA THR B 183 -7.48 -13.95 13.79
C THR B 183 -6.50 -12.85 13.42
N VAL B 184 -6.97 -11.59 13.46
CA VAL B 184 -6.05 -10.50 13.20
C VAL B 184 -4.98 -10.42 14.27
N ASP B 185 -5.24 -10.92 15.49
CA ASP B 185 -4.20 -10.96 16.52
C ASP B 185 -3.00 -11.83 16.06
N THR B 186 -3.28 -13.01 15.47
CA THR B 186 -2.19 -13.82 14.91
C THR B 186 -1.42 -13.08 13.80
N VAL B 187 -2.14 -12.42 12.93
CA VAL B 187 -1.49 -11.67 11.87
C VAL B 187 -0.58 -10.58 12.48
N ALA B 188 -1.10 -9.83 13.45
CA ALA B 188 -0.31 -8.79 14.13
C ALA B 188 0.94 -9.37 14.79
N LYS B 189 0.78 -10.50 15.48
CA LYS B 189 1.90 -11.08 16.21
C LYS B 189 2.99 -11.51 15.23
N GLN B 190 2.58 -12.09 14.09
CA GLN B 190 3.57 -12.58 13.13
C GLN B 190 4.28 -11.41 12.44
N TYR B 191 3.53 -10.37 12.13
N TYR B 191 3.51 -10.37 12.06
CA TYR B 191 4.16 -9.25 11.49
CA TYR B 191 4.11 -9.13 11.51
C TYR B 191 5.10 -8.49 12.46
C TYR B 191 5.14 -8.58 12.49
N LEU B 192 4.72 -8.42 13.75
CA LEU B 192 5.60 -7.84 14.77
C LEU B 192 6.85 -8.69 14.95
N SER B 193 6.69 -10.00 14.92
CA SER B 193 7.84 -10.89 15.04
C SER B 193 8.87 -10.70 13.94
N ILE B 194 8.38 -10.57 12.69
CA ILE B 194 9.26 -10.30 11.54
C ILE B 194 9.93 -8.93 11.73
N VAL B 195 9.13 -7.89 11.98
CA VAL B 195 9.68 -6.53 12.02
C VAL B 195 10.65 -6.36 13.18
N LEU B 196 10.35 -6.95 14.34
CA LEU B 196 11.22 -6.72 15.49
C LEU B 196 12.38 -7.71 15.58
N ASP B 197 12.12 -8.98 15.25
CA ASP B 197 13.14 -10.03 15.43
C ASP B 197 13.74 -10.59 14.14
N GLY B 198 13.12 -10.26 13.00
CA GLY B 198 13.65 -10.67 11.70
C GLY B 198 13.15 -12.03 11.26
N LEU B 199 13.02 -12.19 9.94
CA LEU B 199 12.66 -13.46 9.35
C LEU B 199 13.84 -14.46 9.31
N ALA B 200 15.08 -13.99 9.34
CA ALA B 200 16.23 -14.91 9.25
C ALA B 200 16.34 -15.73 10.52
N SER B 201 16.84 -16.96 10.39
CA SER B 201 17.11 -17.79 11.57
C SER B 201 18.28 -17.21 12.33
N PRO B 202 18.22 -17.38 13.65
CA PRO B 202 19.30 -16.96 14.56
C PRO B 202 20.61 -17.69 14.24
MG MG C . 2.84 11.74 -5.15
#